data_3QRA
#
_entry.id   3QRA
#
_cell.length_a   50.236
_cell.length_b   50.236
_cell.length_c   170.623
_cell.angle_alpha   90.00
_cell.angle_beta   90.00
_cell.angle_gamma   90.00
#
_symmetry.space_group_name_H-M   'P 43 21 2'
#
loop_
_entity.id
_entity.type
_entity.pdbx_description
1 polymer 'Attachment invasion locus protein'
2 non-polymer (HYDROXYETHYLOXY)TRI(ETHYLOXY)OCTANE
3 water water
#
_entity_poly.entity_id   1
_entity_poly.type   'polypeptide(L)'
_entity_poly.pdbx_seq_one_letter_code
;MEGESSISIGYAQSRVKEDGYKLDKNPRGFNLKYRYEFNNDWGVIGSFAQTRRGFEESVDGFKLIDGDFKYYSVTAGPVF
RINEYVSLYGLLGAGHGKAKFSSIFGQSESRSKTSLAYGAGLQFNPHPNFVIDASYEYSKLDDVKVGTWMLGAGYRF
;
_entity_poly.pdbx_strand_id   A
#
loop_
_chem_comp.id
_chem_comp.type
_chem_comp.name
_chem_comp.formula
C8E non-polymer (HYDROXYETHYLOXY)TRI(ETHYLOXY)OCTANE 'C16 H34 O5'
#
# COMPACT_ATOMS: atom_id res chain seq x y z
N MET A 1 13.23 1.57 19.90
CA MET A 1 13.24 1.04 21.25
C MET A 1 11.83 1.01 21.87
N GLU A 2 11.72 0.36 23.02
CA GLU A 2 10.46 0.25 23.74
C GLU A 2 9.73 1.59 23.93
N GLY A 3 8.45 1.61 23.55
CA GLY A 3 7.63 2.78 23.77
C GLY A 3 7.71 3.80 22.65
N GLU A 4 8.51 3.53 21.63
CA GLU A 4 8.68 4.49 20.53
C GLU A 4 7.73 4.28 19.39
N SER A 5 7.23 5.39 18.84
CA SER A 5 6.33 5.40 17.70
C SER A 5 7.08 5.89 16.46
N SER A 6 6.72 5.35 15.31
CA SER A 6 7.22 5.84 14.03
C SER A 6 6.04 6.17 13.13
N ILE A 7 6.06 7.34 12.53
CA ILE A 7 5.00 7.71 11.62
C ILE A 7 5.66 8.10 10.30
N SER A 8 5.12 7.55 9.21
CA SER A 8 5.66 7.86 7.89
C SER A 8 4.58 8.07 6.84
N ILE A 9 4.92 8.91 5.86
CA ILE A 9 4.08 9.06 4.68
C ILE A 9 4.94 8.73 3.46
N GLY A 10 4.31 8.17 2.43
CA GLY A 10 5.09 7.73 1.29
C GLY A 10 4.30 7.59 0.00
N TYR A 11 5.05 7.45 -1.08
CA TYR A 11 4.50 7.16 -2.39
C TYR A 11 3.98 5.73 -2.40
N ALA A 12 2.87 5.54 -3.10
CA ALA A 12 2.42 4.18 -3.41
C ALA A 12 2.17 4.06 -4.92
N GLN A 13 2.57 2.94 -5.51
CA GLN A 13 2.32 2.74 -6.93
C GLN A 13 1.91 1.29 -7.13
N SER A 14 0.81 1.09 -7.85
CA SER A 14 0.29 -0.26 -8.09
C SER A 14 0.49 -0.69 -9.53
N ARG A 15 0.64 -1.99 -9.72
CA ARG A 15 0.50 -2.66 -10.99
C ARG A 15 -0.76 -3.50 -10.88
N VAL A 16 -1.58 -3.48 -11.92
CA VAL A 16 -2.86 -4.17 -11.89
C VAL A 16 -2.92 -5.11 -13.09
N LYS A 17 -3.18 -6.38 -12.84
CA LYS A 17 -3.15 -7.38 -13.92
C LYS A 17 -4.33 -8.35 -13.85
N GLU A 18 -5.07 -8.50 -14.94
CA GLU A 18 -6.01 -9.60 -15.07
C GLU A 18 -5.60 -10.45 -16.26
N ASP A 19 -5.61 -11.77 -16.10
CA ASP A 19 -5.21 -12.64 -17.21
C ASP A 19 -6.05 -12.32 -18.44
N GLY A 20 -5.39 -12.10 -19.58
CA GLY A 20 -6.08 -11.83 -20.82
C GLY A 20 -6.10 -10.37 -21.19
N TYR A 21 -5.68 -9.53 -20.24
CA TYR A 21 -5.59 -8.08 -20.42
C TYR A 21 -4.17 -7.59 -20.16
N LYS A 22 -3.85 -6.43 -20.74
CA LYS A 22 -2.55 -5.81 -20.55
C LYS A 22 -2.38 -5.36 -19.09
N LEU A 23 -1.15 -5.50 -18.58
CA LEU A 23 -0.81 -5.01 -17.26
C LEU A 23 -0.98 -3.49 -17.23
N ASP A 24 -1.59 -2.98 -16.15
CA ASP A 24 -1.75 -1.56 -15.96
C ASP A 24 -0.76 -1.08 -14.89
N LYS A 25 0.24 -0.31 -15.30
CA LYS A 25 1.28 0.14 -14.36
C LYS A 25 1.03 1.57 -13.86
N ASN A 26 -0.13 2.14 -14.19
CA ASN A 26 -0.40 3.54 -13.89
C ASN A 26 -0.86 3.96 -12.48
N PRO A 27 -1.65 3.12 -11.78
CA PRO A 27 -2.27 3.66 -10.55
C PRO A 27 -1.25 4.12 -9.50
N ARG A 28 -1.50 5.30 -8.93
CA ARG A 28 -0.57 5.92 -7.98
C ARG A 28 -1.33 6.56 -6.83
N GLY A 29 -0.66 6.72 -5.70
CA GLY A 29 -1.27 7.33 -4.55
C GLY A 29 -0.27 7.41 -3.43
N PHE A 30 -0.73 7.13 -2.23
CA PHE A 30 0.08 7.34 -1.03
C PHE A 30 -0.15 6.25 0.02
N ASN A 31 0.73 6.26 1.02
CA ASN A 31 0.73 5.26 2.07
C ASN A 31 1.10 5.93 3.39
N LEU A 32 0.26 5.75 4.41
CA LEU A 32 0.60 6.17 5.77
C LEU A 32 0.90 4.91 6.58
N LYS A 33 2.02 4.91 7.31
CA LYS A 33 2.29 3.79 8.22
C LYS A 33 2.55 4.31 9.62
N TYR A 34 2.09 3.56 10.62
CA TYR A 34 2.29 3.92 12.01
C TYR A 34 2.80 2.69 12.74
N ARG A 35 3.93 2.83 13.43
CA ARG A 35 4.57 1.72 14.12
C ARG A 35 4.68 2.03 15.59
N TYR A 36 4.49 1.02 16.43
CA TYR A 36 4.69 1.18 17.85
C TYR A 36 5.50 0.00 18.35
N GLU A 37 6.56 0.28 19.06
CA GLU A 37 7.44 -0.73 19.57
C GLU A 37 7.10 -1.02 21.04
N PHE A 38 6.64 -2.23 21.33
CA PHE A 38 6.21 -2.70 22.64
C PHE A 38 7.39 -2.98 23.52
N ASN A 39 8.47 -3.40 22.94
CA ASN A 39 9.73 -3.62 23.63
C ASN A 39 10.89 -3.35 22.68
N ASN A 40 12.12 -3.66 23.07
CA ASN A 40 13.26 -3.32 22.22
C ASN A 40 13.38 -4.16 20.94
N ASP A 41 12.54 -5.18 20.79
CA ASP A 41 12.68 -6.10 19.66
C ASP A 41 11.41 -6.31 18.86
N TRP A 42 10.27 -6.15 19.53
CA TRP A 42 8.98 -6.46 18.92
C TRP A 42 8.06 -5.26 18.90
N GLY A 43 7.28 -5.14 17.84
CA GLY A 43 6.31 -4.07 17.76
C GLY A 43 5.17 -4.42 16.82
N VAL A 44 4.30 -3.44 16.58
CA VAL A 44 3.22 -3.62 15.63
C VAL A 44 3.25 -2.45 14.66
N ILE A 45 2.84 -2.71 13.44
CA ILE A 45 2.75 -1.67 12.45
C ILE A 45 1.41 -1.75 11.71
N GLY A 46 0.85 -0.58 11.42
CA GLY A 46 -0.40 -0.46 10.71
C GLY A 46 -0.13 0.35 9.46
N SER A 47 -0.88 0.06 8.40
CA SER A 47 -0.67 0.68 7.10
C SER A 47 -2.02 0.98 6.43
N PHE A 48 -2.11 2.19 5.87
CA PHE A 48 -3.21 2.54 4.98
C PHE A 48 -2.59 2.93 3.66
N ALA A 49 -3.12 2.37 2.57
CA ALA A 49 -2.64 2.73 1.25
C ALA A 49 -3.80 3.05 0.32
N GLN A 50 -3.57 3.97 -0.59
CA GLN A 50 -4.54 4.23 -1.64
C GLN A 50 -3.80 4.52 -2.92
N THR A 51 -4.26 3.91 -4.02
CA THR A 51 -3.77 4.26 -5.35
C THR A 51 -4.95 4.44 -6.29
N ARG A 52 -4.75 5.17 -7.37
CA ARG A 52 -5.86 5.42 -8.27
C ARG A 52 -5.36 5.80 -9.63
N ARG A 53 -6.23 5.58 -10.62
CA ARG A 53 -6.00 6.09 -11.95
C ARG A 53 -7.35 6.63 -12.39
N GLY A 54 -7.47 7.95 -12.52
CA GLY A 54 -8.74 8.55 -12.85
C GLY A 54 -8.77 9.17 -14.23
N PHE A 55 -9.76 10.03 -14.46
CA PHE A 55 -9.82 10.78 -15.71
C PHE A 55 -8.59 11.64 -15.88
N GLU A 56 -7.93 11.49 -17.03
CA GLU A 56 -6.84 12.36 -17.39
C GLU A 56 -7.15 12.94 -18.75
N GLU A 57 -7.03 14.24 -18.89
CA GLU A 57 -7.25 14.82 -20.18
C GLU A 57 -6.14 14.35 -21.08
N SER A 58 -6.51 13.95 -22.27
CA SER A 58 -5.53 13.41 -23.21
C SER A 58 -5.67 13.96 -24.62
N VAL A 59 -4.63 13.78 -25.42
CA VAL A 59 -4.71 14.15 -26.83
C VAL A 59 -5.35 12.99 -27.61
N LEU A 64 -13.75 6.69 -26.62
CA LEU A 64 -15.04 6.00 -26.71
C LEU A 64 -15.43 5.39 -25.36
N ILE A 65 -14.45 4.83 -24.67
CA ILE A 65 -14.67 4.23 -23.36
C ILE A 65 -13.52 4.60 -22.41
N ASP A 66 -13.84 5.38 -21.37
CA ASP A 66 -12.83 5.78 -20.41
C ASP A 66 -13.00 4.99 -19.11
N GLY A 67 -11.91 4.85 -18.39
CA GLY A 67 -11.88 4.02 -17.20
C GLY A 67 -11.41 4.76 -15.97
N ASP A 68 -11.77 4.22 -14.82
CA ASP A 68 -11.41 4.82 -13.54
C ASP A 68 -11.14 3.66 -12.61
N PHE A 69 -10.08 3.77 -11.81
CA PHE A 69 -9.67 2.70 -10.92
C PHE A 69 -9.27 3.28 -9.58
N LYS A 70 -9.66 2.58 -8.51
CA LYS A 70 -9.24 2.97 -7.17
C LYS A 70 -8.98 1.72 -6.35
N TYR A 71 -7.93 1.76 -5.57
CA TYR A 71 -7.56 0.69 -4.66
C TYR A 71 -7.21 1.29 -3.30
N TYR A 72 -7.72 0.70 -2.26
CA TYR A 72 -7.15 0.97 -1.01
C TYR A 72 -7.10 -0.19 -0.05
N SER A 73 -6.28 -0.02 0.96
CA SER A 73 -6.05 -1.16 1.83
C SER A 73 -5.74 -0.71 3.24
N VAL A 74 -6.09 -1.56 4.19
CA VAL A 74 -5.73 -1.36 5.58
C VAL A 74 -5.13 -2.68 6.03
N THR A 75 -3.87 -2.63 6.46
CA THR A 75 -3.17 -3.85 6.85
C THR A 75 -2.39 -3.64 8.15
N ALA A 76 -2.04 -4.72 8.83
CA ALA A 76 -1.32 -4.59 10.09
C ALA A 76 -0.55 -5.85 10.37
N GLY A 77 0.44 -5.76 11.25
CA GLY A 77 1.19 -6.95 11.60
C GLY A 77 2.40 -6.67 12.47
N PRO A 78 3.14 -7.74 12.82
CA PRO A 78 4.28 -7.60 13.73
C PRO A 78 5.50 -7.04 13.02
N VAL A 79 6.28 -6.24 13.74
CA VAL A 79 7.54 -5.73 13.21
C VAL A 79 8.67 -6.16 14.15
N PHE A 80 9.75 -6.67 13.56
CA PHE A 80 10.88 -7.23 14.30
C PHE A 80 12.09 -6.38 14.09
N ARG A 81 12.64 -5.83 15.18
CA ARG A 81 13.83 -5.02 15.05
C ARG A 81 15.04 -5.92 15.03
N ILE A 82 15.86 -5.78 14.00
CA ILE A 82 17.09 -6.57 13.91
C ILE A 82 18.20 -5.92 14.71
N ASN A 83 18.38 -4.63 14.47
CA ASN A 83 19.38 -3.86 15.18
C ASN A 83 18.95 -2.40 15.20
N GLU A 84 19.87 -1.50 15.50
CA GLU A 84 19.51 -0.11 15.60
C GLU A 84 19.01 0.45 14.30
N TYR A 85 19.44 -0.11 13.18
CA TYR A 85 19.16 0.46 11.86
C TYR A 85 18.02 -0.15 11.06
N VAL A 86 17.77 -1.43 11.25
CA VAL A 86 16.85 -2.14 10.38
C VAL A 86 15.85 -2.99 11.14
N SER A 87 14.60 -2.96 10.65
CA SER A 87 13.53 -3.77 11.18
C SER A 87 12.74 -4.34 10.00
N LEU A 88 12.20 -5.54 10.19
CA LEU A 88 11.44 -6.24 9.14
C LEU A 88 10.01 -6.48 9.59
N TYR A 89 9.06 -6.39 8.68
CA TYR A 89 7.69 -6.63 9.10
C TYR A 89 6.84 -7.40 8.06
N GLY A 90 5.79 -8.05 8.57
CA GLY A 90 4.83 -8.73 7.72
C GLY A 90 3.42 -8.24 8.07
N LEU A 91 2.60 -8.02 7.05
CA LEU A 91 1.30 -7.38 7.21
C LEU A 91 0.18 -8.22 6.59
N LEU A 92 -1.00 -8.12 7.20
CA LEU A 92 -2.19 -8.79 6.71
C LEU A 92 -3.35 -7.84 6.93
N GLY A 93 -4.31 -7.89 6.01
CA GLY A 93 -5.48 -7.05 6.16
C GLY A 93 -6.42 -7.17 4.98
N ALA A 94 -6.99 -6.05 4.58
CA ALA A 94 -7.98 -6.05 3.51
C ALA A 94 -7.61 -5.05 2.42
N GLY A 95 -7.84 -5.46 1.18
CA GLY A 95 -7.76 -4.57 0.03
C GLY A 95 -9.13 -4.44 -0.59
N HIS A 96 -9.40 -3.28 -1.18
CA HIS A 96 -10.68 -3.00 -1.82
C HIS A 96 -10.38 -2.27 -3.11
N GLY A 97 -10.84 -2.87 -4.20
CA GLY A 97 -10.69 -2.29 -5.53
C GLY A 97 -12.01 -1.95 -6.17
N LYS A 98 -12.01 -0.88 -6.96
CA LYS A 98 -13.18 -0.49 -7.72
C LYS A 98 -12.75 -0.02 -9.11
N ALA A 99 -13.44 -0.52 -10.12
CA ALA A 99 -13.17 -0.13 -11.50
C ALA A 99 -14.47 0.27 -12.18
N LYS A 100 -14.44 1.35 -12.92
CA LYS A 100 -15.61 1.86 -13.58
C LYS A 100 -15.25 2.23 -15.00
N PHE A 101 -16.11 1.84 -15.93
CA PHE A 101 -15.95 2.21 -17.33
C PHE A 101 -17.18 2.96 -17.80
N SER A 102 -16.96 4.02 -18.56
CA SER A 102 -18.05 4.84 -19.08
C SER A 102 -17.84 5.13 -20.55
N SER A 103 -18.91 5.54 -21.23
CA SER A 103 -18.81 6.03 -22.59
C SER A 103 -19.30 7.48 -22.66
N PHE A 105 -21.49 6.85 -25.89
CA PHE A 105 -21.43 7.75 -24.75
C PHE A 105 -22.74 7.75 -24.00
N GLY A 106 -22.67 8.05 -22.71
CA GLY A 106 -23.81 8.00 -21.83
C GLY A 106 -23.89 6.84 -20.83
N GLN A 107 -23.10 5.77 -20.99
CA GLN A 107 -23.44 4.53 -20.34
C GLN A 107 -22.24 4.06 -19.50
N SER A 108 -22.44 3.27 -18.45
CA SER A 108 -21.30 2.87 -17.64
C SER A 108 -21.56 1.57 -16.89
N GLU A 109 -20.49 0.98 -16.42
CA GLU A 109 -20.55 -0.19 -15.56
C GLU A 109 -19.42 -0.11 -14.57
N SER A 110 -19.64 -0.60 -13.37
CA SER A 110 -18.57 -0.62 -12.39
C SER A 110 -18.62 -1.90 -11.61
N ARG A 111 -17.47 -2.30 -11.10
CA ARG A 111 -17.35 -3.49 -10.26
C ARG A 111 -16.44 -3.16 -9.09
N SER A 112 -16.75 -3.72 -7.93
CA SER A 112 -15.86 -3.52 -6.80
C SER A 112 -15.76 -4.80 -5.99
N LYS A 113 -14.64 -4.96 -5.29
CA LYS A 113 -14.36 -6.19 -4.58
C LYS A 113 -13.45 -5.93 -3.40
N THR A 114 -13.72 -6.64 -2.30
CA THR A 114 -12.85 -6.63 -1.12
C THR A 114 -12.28 -8.01 -0.92
N SER A 115 -10.98 -8.10 -0.70
CA SER A 115 -10.34 -9.37 -0.47
C SER A 115 -9.23 -9.19 0.53
N LEU A 116 -8.53 -10.27 0.86
CA LEU A 116 -7.36 -10.16 1.73
C LEU A 116 -6.25 -9.38 1.03
N ALA A 117 -5.48 -8.64 1.81
CA ALA A 117 -4.24 -8.03 1.31
C ALA A 117 -3.09 -8.52 2.19
N TYR A 118 -1.94 -8.72 1.57
CA TYR A 118 -0.78 -9.29 2.27
C TYR A 118 0.41 -8.40 1.99
N GLY A 119 1.24 -8.13 2.98
CA GLY A 119 2.38 -7.26 2.74
C GLY A 119 3.64 -7.68 3.49
N ALA A 120 4.76 -7.12 3.06
CA ALA A 120 6.02 -7.35 3.74
C ALA A 120 6.88 -6.13 3.48
N GLY A 121 7.65 -5.72 4.47
CA GLY A 121 8.50 -4.56 4.25
C GLY A 121 9.57 -4.39 5.30
N LEU A 122 10.21 -3.24 5.25
CA LEU A 122 11.19 -2.90 6.22
C LEU A 122 11.25 -1.44 6.55
N GLN A 123 11.79 -1.20 7.73
CA GLN A 123 12.07 0.18 8.13
C GLN A 123 13.55 0.33 8.42
N PHE A 124 14.11 1.43 7.93
CA PHE A 124 15.50 1.80 8.12
C PHE A 124 15.56 3.08 8.93
N ASN A 125 16.37 3.08 9.99
CA ASN A 125 16.59 4.28 10.80
C ASN A 125 18.02 4.78 10.64
N PRO A 126 18.26 5.69 9.70
CA PRO A 126 19.60 6.23 9.48
C PRO A 126 20.06 7.07 10.66
N HIS A 127 19.08 7.61 11.38
CA HIS A 127 19.29 8.34 12.63
C HIS A 127 18.19 7.79 13.54
N PRO A 128 18.44 7.75 14.85
CA PRO A 128 17.43 7.12 15.72
C PRO A 128 16.03 7.75 15.63
N ASN A 129 15.93 9.03 15.25
CA ASN A 129 14.62 9.68 15.17
C ASN A 129 14.02 9.79 13.78
N PHE A 130 14.65 9.19 12.79
CA PHE A 130 14.14 9.24 11.42
C PHE A 130 13.80 7.86 10.95
N VAL A 131 12.89 7.80 9.98
CA VAL A 131 12.41 6.54 9.40
C VAL A 131 12.39 6.63 7.89
N ILE A 132 12.86 5.59 7.25
CA ILE A 132 12.64 5.36 5.83
C ILE A 132 11.93 4.03 5.76
N ASP A 133 10.80 4.00 5.06
CA ASP A 133 9.95 2.82 5.06
C ASP A 133 9.80 2.31 3.64
N ALA A 134 9.85 1.00 3.43
CA ALA A 134 9.59 0.47 2.10
C ALA A 134 8.86 -0.85 2.22
N SER A 135 7.83 -1.06 1.40
CA SER A 135 7.10 -2.32 1.48
C SER A 135 6.42 -2.69 0.18
N TYR A 136 6.01 -3.96 0.09
CA TYR A 136 5.25 -4.47 -1.03
C TYR A 136 3.96 -5.10 -0.48
N GLU A 137 2.89 -4.98 -1.25
CA GLU A 137 1.60 -5.51 -0.87
C GLU A 137 0.97 -6.19 -2.07
N TYR A 138 0.22 -7.26 -1.82
CA TYR A 138 -0.46 -8.01 -2.88
C TYR A 138 -1.91 -8.27 -2.47
N SER A 139 -2.82 -8.09 -3.41
CA SER A 139 -4.21 -8.46 -3.15
C SER A 139 -4.81 -9.03 -4.42
N LYS A 140 -5.50 -10.16 -4.32
CA LYS A 140 -6.21 -10.70 -5.47
C LYS A 140 -7.71 -10.50 -5.30
N LEU A 141 -8.29 -9.73 -6.23
CA LEU A 141 -9.70 -9.38 -6.20
C LEU A 141 -10.40 -10.12 -7.31
N ASP A 142 -10.90 -11.31 -6.99
CA ASP A 142 -11.38 -12.25 -7.99
C ASP A 142 -10.29 -12.49 -9.03
N ASP A 143 -10.51 -12.09 -10.28
CA ASP A 143 -9.50 -12.32 -11.30
C ASP A 143 -8.46 -11.21 -11.45
N VAL A 144 -8.61 -10.14 -10.66
CA VAL A 144 -7.74 -8.98 -10.80
C VAL A 144 -6.66 -8.95 -9.72
N LYS A 145 -5.40 -9.00 -10.13
CA LYS A 145 -4.30 -8.98 -9.17
C LYS A 145 -3.77 -7.55 -9.03
N VAL A 146 -3.56 -7.12 -7.79
CA VAL A 146 -3.02 -5.79 -7.54
C VAL A 146 -1.76 -5.90 -6.71
N GLY A 147 -0.63 -5.48 -7.29
CA GLY A 147 0.61 -5.40 -6.54
C GLY A 147 0.96 -3.95 -6.27
N THR A 148 1.31 -3.62 -5.04
CA THR A 148 1.56 -2.23 -4.69
C THR A 148 2.90 -2.06 -3.97
N TRP A 149 3.74 -1.18 -4.50
CA TRP A 149 5.00 -0.82 -3.85
C TRP A 149 4.84 0.50 -3.15
N MET A 150 5.52 0.62 -2.01
CA MET A 150 5.40 1.79 -1.15
C MET A 150 6.77 2.21 -0.69
N LEU A 151 7.02 3.52 -0.71
CA LEU A 151 8.29 4.07 -0.25
C LEU A 151 8.03 5.40 0.44
N GLY A 152 8.36 5.47 1.73
CA GLY A 152 8.00 6.62 2.53
C GLY A 152 9.05 7.01 3.55
N ALA A 153 8.75 8.04 4.31
CA ALA A 153 9.68 8.55 5.30
C ALA A 153 8.93 9.29 6.38
N GLY A 154 9.58 9.47 7.52
CA GLY A 154 8.95 10.15 8.63
C GLY A 154 9.83 10.11 9.85
N TYR A 155 9.21 10.10 11.02
CA TYR A 155 9.95 10.30 12.26
C TYR A 155 9.63 9.23 13.28
N ARG A 156 10.56 9.05 14.21
CA ARG A 156 10.40 8.15 15.32
C ARG A 156 10.71 8.83 16.62
N PHE A 157 9.81 8.71 17.58
CA PHE A 157 9.84 9.52 18.79
C PHE A 157 9.25 8.71 19.93
C1 C8E B . 1.99 12.65 7.95
C2 C8E B . 3.23 12.29 8.75
C3 C8E B . 4.44 12.13 7.84
C4 C8E B . 5.63 12.95 8.34
C5 C8E B . 6.12 13.92 7.27
C6 C8E B . 7.45 13.42 6.69
C7 C8E B . 7.70 13.98 5.29
C8 C8E B . 8.57 13.03 4.47
O9 C8E B . 7.96 12.86 3.22
C10 C8E B . 8.72 12.09 2.30
C11 C8E B . 7.76 11.08 1.71
O12 C8E B . 8.40 10.34 0.69
C13 C8E B . 9.49 9.63 1.18
C14 C8E B . 10.50 9.39 0.07
O15 C8E B . 11.41 8.41 0.54
C16 C8E B . 12.44 8.96 1.33
C17 C8E B . 13.24 9.98 0.53
C1 C8E C . -3.77 -17.81 -1.95
C2 C8E C . -2.45 -17.10 -2.21
C3 C8E C . -2.22 -15.94 -1.25
C4 C8E C . -0.73 -15.77 -0.98
C5 C8E C . -0.21 -14.38 -1.34
C6 C8E C . 0.90 -13.95 -0.38
C7 C8E C . 1.60 -12.69 -0.87
C8 C8E C . 2.69 -12.25 0.11
O9 C8E C . 3.51 -11.27 -0.49
C10 C8E C . 3.73 -10.16 0.35
C1 C8E D . -11.17 -3.82 -9.51
C2 C8E D . -12.53 -4.35 -9.05
C3 C8E D . -12.49 -5.85 -8.83
C4 C8E D . -13.15 -6.63 -9.96
C5 C8E D . -13.47 -8.05 -9.51
C6 C8E D . -14.82 -8.52 -10.05
C7 C8E D . -15.94 -8.27 -9.05
C8 C8E D . -17.30 -8.32 -9.76
C1 C8E E . -1.49 4.80 9.89
C2 C8E E . -2.33 3.63 9.35
C3 C8E E . -2.73 2.70 10.49
C4 C8E E . -4.07 2.03 10.21
C5 C8E E . -3.99 0.54 10.50
C6 C8E E . -5.04 0.12 11.52
C7 C8E E . -5.15 -1.40 11.58
C8 C8E E . -5.98 -1.83 12.79
C1 C8E F . -6.58 9.39 4.92
C2 C8E F . -7.22 9.10 3.57
C3 C8E F . -8.51 8.32 3.74
C4 C8E F . -9.44 8.52 2.55
C5 C8E F . -9.80 7.18 1.91
C6 C8E F . -11.31 7.02 1.82
C7 C8E F . -11.70 5.96 0.79
C8 C8E F . -13.20 5.71 0.81
O9 C8E F . -13.64 5.31 -0.47
C1 C8E G . 6.94 3.75 -4.77
C2 C8E G . 6.96 4.77 -5.89
C3 C8E G . 7.95 5.90 -5.60
C4 C8E G . 8.29 6.72 -6.84
C5 C8E G . 9.03 8.00 -6.47
C6 C8E G . 8.28 9.25 -6.91
C7 C8E G . 9.19 10.20 -7.70
C8 C8E G . 8.41 11.36 -8.27
C1 C8E H . 11.26 -3.62 0.60
C2 C8E H . 10.18 -4.64 0.27
C3 C8E H . 10.60 -6.05 0.69
C4 C8E H . 9.38 -6.96 0.86
C5 C8E H . 9.50 -8.23 0.03
C6 C8E H . 8.33 -8.41 -0.92
C7 C8E H . 8.74 -9.25 -2.13
C8 C8E H . 7.61 -9.39 -3.14
O9 C8E H . 8.13 -9.44 -4.45
#